data_4UGI
#
_entry.id   4UGI
#
_cell.length_a   80.440
_cell.length_b   95.013
_cell.length_c   63.030
_cell.angle_alpha   90.00
_cell.angle_beta   90.00
_cell.angle_gamma   90.00
#
_symmetry.space_group_name_H-M   'P 21 21 2'
#
loop_
_entity.id
_entity.type
_entity.pdbx_description
1 polymer 'NITRIC OXIDE SYNTHASE OXYGENASE'
2 non-polymer 'PROTOPORPHYRIN IX CONTAINING FE'
3 non-polymer 'CHLORIDE ION'
4 non-polymer "N'-[6-[2-(6-AZANYL-4-METHYL-PYRIDIN-2-YL)ETHYL]PYRIDIN-2-YL]-N,N'-DIMETHYL-ETHANE-1,2-DIAMINE"
5 non-polymer IMIDAZOLE
6 non-polymer GLYCEROL
7 non-polymer N-PROPANOL
8 water water
#
_entity_poly.entity_id   1
_entity_poly.type   'polypeptide(L)'
_entity_poly.pdbx_seq_one_letter_code
;MEEKEILWNEAKAFIAACYQELGKAAEVKDRLADIKSEIDLTGSYVHTKEELEHGAKMAWRNSNRCIGRLFWNSLNVIDR
RDVRTKEEVRDALFHHIETATNNGKIRPTITIFPPEEKGEKQVEIWNHQLIRYAGYESDGERIGDPASCSLTAACEELGW
RGERTDFDLLPLIFRMKGDEQPVWYELPRSLVIEVPITHPDIEAFSDLELKWYGVPIISDMKLEVGGIHYNAAPFNGWYM
GTEIGARNLADEKRYDKLKKVASVIGIAADYNTDLWKDQALVELNKAVLHSYKKQGVSIVDHHTAASQFKRFEEQAEEAG
RKLTGDWTWLIPPISPAATHIFHRSYDNSIVKPNYFYQDKPYE
;
_entity_poly.pdbx_strand_id   A
#
loop_
_chem_comp.id
_chem_comp.type
_chem_comp.name
_chem_comp.formula
CL non-polymer 'CHLORIDE ION' 'Cl -1'
GOL non-polymer GLYCEROL 'C3 H8 O3'
HEM non-polymer 'PROTOPORPHYRIN IX CONTAINING FE' 'C34 H32 Fe N4 O4'
IMD non-polymer IMIDAZOLE 'C3 H5 N2 1'
POL non-polymer N-PROPANOL 'C3 H8 O'
SKO non-polymer N'-[6-[2-(6-AZANYL-4-METHYL-PYRIDIN-2-YL)ETHYL]PYRIDIN-2-YL]-N,N'-DIMETHYL-ETHANE-1,2-DIAMINE 'C17 H25 N5'
#
# COMPACT_ATOMS: atom_id res chain seq x y z
N GLU A 2 -9.86 30.48 7.23
CA GLU A 2 -10.52 29.24 6.83
C GLU A 2 -9.68 28.01 7.19
N GLU A 3 -8.37 28.09 6.97
CA GLU A 3 -7.45 26.98 7.24
C GLU A 3 -7.60 26.46 8.67
N LYS A 4 -7.41 27.35 9.64
CA LYS A 4 -7.50 27.03 11.05
C LYS A 4 -8.89 26.50 11.44
N GLU A 5 -9.93 27.07 10.85
CA GLU A 5 -11.30 26.61 11.10
C GLU A 5 -11.50 25.18 10.62
N ILE A 6 -11.01 24.87 9.42
CA ILE A 6 -11.06 23.51 8.90
C ILE A 6 -10.35 22.57 9.88
N LEU A 7 -9.16 22.99 10.31
CA LEU A 7 -8.35 22.19 11.22
C LEU A 7 -9.08 21.93 12.54
N TRP A 8 -9.66 22.98 13.10
CA TRP A 8 -10.34 22.90 14.40
C TRP A 8 -11.59 22.03 14.33
N ASN A 9 -12.33 22.10 13.24
CA ASN A 9 -13.52 21.28 13.05
C ASN A 9 -13.18 19.81 12.89
N GLU A 10 -12.14 19.52 12.11
CA GLU A 10 -11.67 18.16 11.94
C GLU A 10 -11.14 17.62 13.26
N ALA A 11 -10.47 18.49 14.01
CA ALA A 11 -9.89 18.11 15.30
C ALA A 11 -10.97 17.69 16.31
N LYS A 12 -12.03 18.49 16.41
CA LYS A 12 -13.13 18.18 17.31
C LYS A 12 -13.80 16.84 16.97
N ALA A 13 -14.03 16.60 15.69
CA ALA A 13 -14.68 15.37 15.27
C ALA A 13 -13.81 14.14 15.54
N PHE A 14 -12.51 14.26 15.25
CA PHE A 14 -11.59 13.15 15.45
C PHE A 14 -11.38 12.84 16.94
N ILE A 15 -11.11 13.85 17.74
CA ILE A 15 -10.82 13.64 19.16
C ILE A 15 -12.03 13.00 19.88
N ALA A 16 -13.21 13.54 19.62
CA ALA A 16 -14.45 12.95 20.15
C ALA A 16 -14.58 11.47 19.78
N ALA A 17 -14.43 11.15 18.50
CA ALA A 17 -14.59 9.77 18.05
C ALA A 17 -13.51 8.85 18.57
N CYS A 18 -12.26 9.32 18.50
CA CYS A 18 -11.11 8.54 18.94
C CYS A 18 -11.19 8.22 20.44
N TYR A 19 -11.49 9.24 21.23
CA TYR A 19 -11.54 9.08 22.69
C TYR A 19 -12.73 8.23 23.11
N GLN A 20 -13.83 8.33 22.36
CA GLN A 20 -15.00 7.49 22.62
C GLN A 20 -14.65 6.02 22.42
N GLU A 21 -13.98 5.73 21.31
CA GLU A 21 -13.55 4.36 21.00
C GLU A 21 -12.56 3.82 22.02
N LEU A 22 -11.74 4.71 22.60
CA LEU A 22 -10.72 4.30 23.55
C LEU A 22 -11.25 4.29 24.99
N GLY A 23 -12.54 4.59 25.14
CA GLY A 23 -13.16 4.67 26.45
C GLY A 23 -12.70 5.85 27.28
N LYS A 24 -12.17 6.89 26.62
CA LYS A 24 -11.63 8.05 27.31
C LYS A 24 -12.43 9.33 27.06
N ALA A 25 -13.75 9.17 26.95
CA ALA A 25 -14.63 10.28 26.61
C ALA A 25 -14.61 11.45 27.60
N ALA A 26 -14.36 11.15 28.88
CA ALA A 26 -14.34 12.17 29.91
C ALA A 26 -13.20 13.18 29.73
N GLU A 27 -12.21 12.79 28.93
CA GLU A 27 -11.01 13.60 28.72
C GLU A 27 -11.12 14.48 27.48
N VAL A 28 -12.17 14.27 26.70
CA VAL A 28 -12.37 15.01 25.46
C VAL A 28 -12.36 16.53 25.67
N LYS A 29 -13.12 17.00 26.66
CA LYS A 29 -13.27 18.43 26.86
C LYS A 29 -11.96 19.17 27.12
N ASP A 30 -11.17 18.65 28.06
CA ASP A 30 -9.90 19.27 28.40
C ASP A 30 -8.90 19.18 27.25
N ARG A 31 -8.87 18.03 26.58
CA ARG A 31 -7.98 17.83 25.44
C ARG A 31 -8.32 18.81 24.30
N LEU A 32 -9.61 18.97 24.04
CA LEU A 32 -10.05 19.92 23.01
C LEU A 32 -9.67 21.36 23.35
N ALA A 33 -9.74 21.72 24.63
CA ALA A 33 -9.35 23.06 25.09
C ALA A 33 -7.87 23.28 24.81
N ASP A 34 -7.06 22.31 25.23
CA ASP A 34 -5.62 22.33 24.99
C ASP A 34 -5.33 22.53 23.51
N ILE A 35 -6.04 21.77 22.68
CA ILE A 35 -5.88 21.82 21.23
C ILE A 35 -6.27 23.19 20.68
N LYS A 36 -7.42 23.72 21.10
CA LYS A 36 -7.91 24.99 20.58
C LYS A 36 -6.93 26.12 20.83
N SER A 37 -6.35 26.16 22.03
CA SER A 37 -5.33 27.14 22.35
C SER A 37 -4.07 26.89 21.54
N GLU A 38 -3.70 25.63 21.39
CA GLU A 38 -2.50 25.27 20.64
C GLU A 38 -2.59 25.74 19.19
N ILE A 39 -3.77 25.55 18.59
CA ILE A 39 -4.03 26.06 17.24
C ILE A 39 -3.93 27.58 17.20
N ASP A 40 -4.59 28.24 18.15
CA ASP A 40 -4.54 29.70 18.27
C ASP A 40 -3.12 30.24 18.24
N LEU A 41 -2.24 29.63 19.03
CA LEU A 41 -0.89 30.14 19.20
C LEU A 41 0.03 29.74 18.04
N THR A 42 -0.03 28.47 17.64
CA THR A 42 0.94 27.91 16.70
C THR A 42 0.41 27.70 15.28
N GLY A 43 -0.91 27.63 15.13
CA GLY A 43 -1.49 27.38 13.82
C GLY A 43 -1.69 25.90 13.53
N SER A 44 -1.32 25.06 14.50
CA SER A 44 -1.51 23.62 14.36
C SER A 44 -1.54 22.95 15.74
N TYR A 45 -1.63 21.63 15.76
CA TYR A 45 -1.52 20.89 17.01
C TYR A 45 -0.81 19.56 16.81
N VAL A 46 -0.36 18.97 17.93
CA VAL A 46 0.44 17.76 17.88
C VAL A 46 -0.33 16.59 18.50
N HIS A 47 -0.43 15.49 17.76
CA HIS A 47 -1.12 14.32 18.27
C HIS A 47 -0.31 13.65 19.39
N THR A 48 -1.00 13.16 20.40
CA THR A 48 -0.38 12.26 21.38
C THR A 48 -0.07 10.95 20.64
N LYS A 49 0.81 10.12 21.20
CA LYS A 49 1.13 8.86 20.53
C LYS A 49 -0.08 7.93 20.42
N GLU A 50 -0.97 8.01 21.41
CA GLU A 50 -2.21 7.23 21.40
C GLU A 50 -3.16 7.66 20.28
N GLU A 51 -3.29 8.97 20.09
CA GLU A 51 -4.13 9.52 19.03
C GLU A 51 -3.58 9.15 17.66
N LEU A 52 -2.27 9.26 17.49
CA LEU A 52 -1.63 8.97 16.20
C LEU A 52 -1.83 7.51 15.84
N GLU A 53 -1.60 6.63 16.81
CA GLU A 53 -1.75 5.19 16.58
C GLU A 53 -3.20 4.84 16.22
N HIS A 54 -4.14 5.26 17.06
CA HIS A 54 -5.54 4.95 16.77
C HIS A 54 -6.04 5.62 15.49
N GLY A 55 -5.56 6.84 15.23
CA GLY A 55 -5.90 7.53 13.98
C GLY A 55 -5.46 6.78 12.74
N ALA A 56 -4.26 6.24 12.77
CA ALA A 56 -3.77 5.45 11.63
C ALA A 56 -4.61 4.19 11.44
N LYS A 57 -5.02 3.58 12.54
CA LYS A 57 -5.88 2.40 12.51
C LYS A 57 -7.27 2.73 11.95
N MET A 58 -7.86 3.83 12.42
CA MET A 58 -9.18 4.27 11.92
C MET A 58 -9.11 4.54 10.41
N ALA A 59 -8.02 5.15 9.98
CA ALA A 59 -7.84 5.48 8.58
C ALA A 59 -7.88 4.21 7.73
N TRP A 60 -7.21 3.15 8.19
CA TRP A 60 -7.23 1.88 7.47
C TRP A 60 -8.65 1.34 7.49
N ARG A 61 -9.29 1.37 8.66
CA ARG A 61 -10.65 0.89 8.81
C ARG A 61 -11.63 1.59 7.86
N ASN A 62 -11.31 2.83 7.51
CA ASN A 62 -12.20 3.63 6.65
C ASN A 62 -11.85 3.56 5.17
N SER A 63 -10.85 2.75 4.82
CA SER A 63 -10.40 2.65 3.43
C SER A 63 -11.36 1.79 2.60
N ASN A 64 -12.27 2.47 1.92
CA ASN A 64 -13.36 1.81 1.20
C ASN A 64 -12.93 0.73 0.19
N ARG A 65 -11.78 0.92 -0.43
CA ARG A 65 -11.36 0.00 -1.48
C ARG A 65 -10.63 -1.23 -0.97
N CYS A 66 -10.37 -1.28 0.33
CA CYS A 66 -9.51 -2.32 0.89
C CYS A 66 -10.27 -3.53 1.46
N ILE A 67 -9.99 -4.70 0.89
CA ILE A 67 -10.63 -5.94 1.32
C ILE A 67 -9.97 -6.47 2.58
N GLY A 68 -8.81 -5.93 2.95
CA GLY A 68 -8.05 -6.52 4.04
C GLY A 68 -8.32 -5.93 5.41
N ARG A 69 -9.41 -5.17 5.52
CA ARG A 69 -9.64 -4.35 6.71
C ARG A 69 -9.98 -5.07 8.02
N LEU A 70 -10.26 -6.37 8.00
CA LEU A 70 -10.57 -7.08 9.26
C LEU A 70 -9.48 -6.82 10.29
N PHE A 71 -8.25 -6.68 9.83
CA PHE A 71 -7.12 -6.62 10.76
C PHE A 71 -6.67 -5.21 11.13
N TRP A 72 -7.56 -4.23 10.92
CA TRP A 72 -7.22 -2.81 11.13
C TRP A 72 -6.67 -2.50 12.52
N ASN A 73 -7.15 -3.19 13.54
CA ASN A 73 -6.79 -2.87 14.91
C ASN A 73 -5.43 -3.43 15.34
N SER A 74 -4.82 -4.27 14.50
CA SER A 74 -3.50 -4.81 14.83
C SER A 74 -2.38 -4.17 14.01
N LEU A 75 -2.70 -3.10 13.31
CA LEU A 75 -1.70 -2.33 12.58
C LEU A 75 -0.56 -1.92 13.51
N ASN A 76 0.68 -2.15 13.07
CA ASN A 76 1.85 -1.76 13.86
C ASN A 76 2.28 -0.35 13.48
N VAL A 77 2.06 0.62 14.38
CA VAL A 77 2.33 2.03 14.07
C VAL A 77 3.67 2.46 14.63
N ILE A 78 4.56 2.93 13.75
CA ILE A 78 5.87 3.43 14.15
C ILE A 78 5.91 4.96 14.07
N ASP A 79 6.10 5.61 15.21
CA ASP A 79 6.09 7.08 15.25
C ASP A 79 7.48 7.64 14.95
N ARG A 80 7.67 8.14 13.73
CA ARG A 80 8.94 8.78 13.39
C ARG A 80 8.80 10.27 13.12
N ARG A 81 7.98 10.95 13.93
CA ARG A 81 7.82 12.39 13.79
C ARG A 81 9.06 13.14 14.26
N ASP A 82 10.02 12.41 14.81
CA ASP A 82 11.26 13.00 15.30
C ASP A 82 12.35 13.14 14.23
N VAL A 83 12.15 12.58 13.04
CA VAL A 83 13.23 12.65 12.03
C VAL A 83 13.46 14.04 11.48
N ARG A 84 14.73 14.37 11.26
CA ARG A 84 15.12 15.70 10.76
C ARG A 84 16.10 15.64 9.59
N THR A 85 16.75 14.49 9.39
CA THR A 85 17.83 14.38 8.40
C THR A 85 17.52 13.29 7.38
N LYS A 86 18.16 13.36 6.22
CA LYS A 86 17.84 12.38 5.17
C LYS A 86 18.40 11.00 5.53
N GLU A 87 19.46 10.96 6.32
CA GLU A 87 19.96 9.69 6.82
C GLU A 87 18.97 9.04 7.80
N GLU A 88 18.37 9.85 8.67
CA GLU A 88 17.32 9.36 9.56
C GLU A 88 16.12 8.81 8.76
N VAL A 89 15.70 9.52 7.72
CA VAL A 89 14.59 9.06 6.87
C VAL A 89 14.94 7.74 6.19
N ARG A 90 16.12 7.70 5.57
CA ARG A 90 16.59 6.49 4.89
C ARG A 90 16.59 5.32 5.86
N ASP A 91 17.22 5.51 7.01
CA ASP A 91 17.29 4.44 7.99
C ASP A 91 15.92 4.01 8.51
N ALA A 92 14.98 4.95 8.62
CA ALA A 92 13.62 4.62 9.04
C ALA A 92 12.90 3.79 7.97
N LEU A 93 13.22 4.07 6.71
CA LEU A 93 12.60 3.31 5.62
C LEU A 93 13.22 1.91 5.52
N PHE A 94 14.54 1.82 5.72
CA PHE A 94 15.21 0.52 5.77
C PHE A 94 14.61 -0.30 6.90
N HIS A 95 14.43 0.33 8.05
CA HIS A 95 13.87 -0.34 9.22
C HIS A 95 12.43 -0.82 8.98
N HIS A 96 11.62 0.01 8.33
CA HIS A 96 10.25 -0.39 8.01
C HIS A 96 10.27 -1.67 7.19
N ILE A 97 11.05 -1.70 6.12
CA ILE A 97 11.18 -2.91 5.31
C ILE A 97 11.56 -4.12 6.16
N GLU A 98 12.57 -4.00 7.01
CA GLU A 98 13.03 -5.12 7.81
C GLU A 98 11.95 -5.61 8.78
N THR A 99 11.32 -4.69 9.50
CA THR A 99 10.38 -5.10 10.56
C THR A 99 9.04 -5.58 9.98
N ALA A 100 8.63 -4.98 8.87
CA ALA A 100 7.40 -5.40 8.19
C ALA A 100 7.61 -6.77 7.54
N THR A 101 8.79 -6.98 6.98
CA THR A 101 9.10 -8.25 6.32
C THR A 101 9.12 -9.41 7.32
N ASN A 102 9.78 -9.17 8.46
CA ASN A 102 9.76 -10.10 9.58
C ASN A 102 10.10 -11.53 9.14
N ASN A 103 11.12 -11.66 8.29
CA ASN A 103 11.54 -12.97 7.78
C ASN A 103 10.46 -13.71 7.00
N GLY A 104 9.49 -12.96 6.47
CA GLY A 104 8.44 -13.55 5.65
C GLY A 104 7.09 -13.59 6.32
N LYS A 105 7.07 -13.52 7.65
CA LYS A 105 5.81 -13.50 8.40
C LYS A 105 5.39 -12.04 8.53
N ILE A 106 4.84 -11.52 7.44
CA ILE A 106 4.64 -10.08 7.26
C ILE A 106 3.78 -9.43 8.35
N ARG A 107 4.26 -8.31 8.88
CA ARG A 107 3.51 -7.52 9.87
C ARG A 107 3.00 -6.25 9.21
N PRO A 108 1.67 -6.06 9.17
CA PRO A 108 1.16 -4.79 8.65
C PRO A 108 1.66 -3.65 9.53
N THR A 109 2.33 -2.68 8.90
CA THR A 109 3.08 -1.66 9.61
C THR A 109 2.93 -0.32 8.88
N ILE A 110 2.94 0.78 9.64
CA ILE A 110 3.01 2.10 9.03
C ILE A 110 4.06 2.91 9.78
N THR A 111 4.91 3.63 9.04
CA THR A 111 5.89 4.51 9.67
C THR A 111 5.43 5.94 9.38
N ILE A 112 5.26 6.73 10.43
CA ILE A 112 4.70 8.06 10.25
C ILE A 112 5.75 9.16 10.45
N PHE A 113 6.00 9.93 9.38
CA PHE A 113 7.01 10.99 9.40
C PHE A 113 6.36 12.34 9.78
N PRO A 114 7.18 13.39 10.02
CA PRO A 114 6.56 14.69 10.37
C PRO A 114 5.52 15.14 9.34
N PRO A 115 4.43 15.76 9.80
CA PRO A 115 3.34 16.14 8.89
C PRO A 115 3.60 17.47 8.20
N GLU A 116 2.78 17.83 7.21
CA GLU A 116 2.89 19.14 6.57
C GLU A 116 2.63 20.19 7.62
N GLU A 117 3.20 21.38 7.45
CA GLU A 117 2.99 22.45 8.44
C GLU A 117 1.99 23.50 7.93
N LYS A 118 2.39 24.27 6.92
CA LYS A 118 1.46 25.16 6.25
C LYS A 118 1.18 24.62 4.86
N GLY A 119 1.01 23.31 4.77
CA GLY A 119 0.95 22.65 3.48
C GLY A 119 2.36 22.42 2.96
N GLU A 120 3.34 22.86 3.74
CA GLU A 120 4.75 22.63 3.41
C GLU A 120 5.18 21.24 3.90
N LYS A 121 5.55 20.39 2.96
CA LYS A 121 6.02 19.04 3.29
C LYS A 121 7.40 19.08 3.95
N GLN A 122 7.62 18.19 4.92
CA GLN A 122 8.91 18.12 5.62
C GLN A 122 9.76 17.06 4.95
N VAL A 123 9.07 16.00 4.52
CA VAL A 123 9.69 14.89 3.81
C VAL A 123 8.73 14.52 2.69
N GLU A 124 9.24 14.37 1.47
CA GLU A 124 8.42 14.04 0.31
C GLU A 124 8.94 12.75 -0.32
N ILE A 125 8.22 11.63 -0.14
CA ILE A 125 8.70 10.36 -0.70
C ILE A 125 8.24 10.24 -2.16
N TRP A 126 9.17 9.97 -3.08
CA TRP A 126 8.82 9.86 -4.51
C TRP A 126 8.36 8.47 -4.94
N ASN A 127 8.84 7.42 -4.26
CA ASN A 127 8.43 6.05 -4.60
C ASN A 127 6.93 5.85 -4.46
N HIS A 128 6.36 5.05 -5.37
CA HIS A 128 4.97 4.62 -5.20
C HIS A 128 4.89 3.52 -4.12
N GLN A 129 5.79 2.53 -4.22
CA GLN A 129 5.98 1.56 -3.15
C GLN A 129 7.46 1.56 -2.80
N LEU A 130 7.81 1.29 -1.55
CA LEU A 130 9.22 1.31 -1.18
C LEU A 130 10.05 0.30 -1.98
N ILE A 131 9.45 -0.86 -2.26
CA ILE A 131 10.06 -1.87 -3.09
C ILE A 131 9.23 -2.00 -4.37
N ARG A 132 9.84 -1.71 -5.51
CA ARG A 132 9.17 -1.84 -6.80
C ARG A 132 10.18 -1.99 -7.93
N TYR A 133 9.77 -2.58 -9.05
CA TYR A 133 10.71 -2.76 -10.16
C TYR A 133 10.68 -1.61 -11.14
N ALA A 134 11.85 -1.31 -11.69
CA ALA A 134 12.01 -0.27 -12.70
C ALA A 134 11.38 -0.68 -14.03
N GLY A 135 11.11 0.31 -14.89
CA GLY A 135 10.54 0.03 -16.19
C GLY A 135 11.19 0.94 -17.21
N TYR A 136 11.41 0.42 -18.42
CA TYR A 136 12.09 1.17 -19.45
C TYR A 136 11.37 1.01 -20.77
N GLU A 137 11.47 2.04 -21.60
CA GLU A 137 10.90 1.99 -22.94
C GLU A 137 11.75 2.89 -23.81
N SER A 138 12.36 2.31 -24.83
CA SER A 138 13.23 3.04 -25.75
C SER A 138 13.39 2.27 -27.04
N ASP A 139 13.14 2.95 -28.16
CA ASP A 139 13.24 2.33 -29.49
C ASP A 139 12.41 1.04 -29.59
N GLY A 140 11.15 1.12 -29.18
CA GLY A 140 10.24 -0.02 -29.25
C GLY A 140 10.49 -1.12 -28.24
N GLU A 141 11.58 -1.01 -27.48
CA GLU A 141 11.95 -2.05 -26.52
C GLU A 141 11.41 -1.77 -25.11
N ARG A 142 10.53 -2.65 -24.63
CA ARG A 142 9.99 -2.56 -23.28
C ARG A 142 10.71 -3.53 -22.33
N ILE A 143 11.22 -2.98 -21.23
CA ILE A 143 11.91 -3.80 -20.24
C ILE A 143 11.32 -3.50 -18.88
N GLY A 144 11.11 -4.53 -18.07
CA GLY A 144 10.64 -4.33 -16.70
C GLY A 144 9.18 -3.93 -16.58
N ASP A 145 8.87 -3.14 -15.56
CA ASP A 145 7.49 -2.79 -15.22
C ASP A 145 7.06 -1.45 -15.82
N PRO A 146 6.16 -1.46 -16.83
CA PRO A 146 5.79 -0.19 -17.46
C PRO A 146 5.20 0.82 -16.47
N ALA A 147 4.60 0.35 -15.39
CA ALA A 147 4.00 1.25 -14.42
C ALA A 147 5.06 2.15 -13.78
N SER A 148 6.32 1.72 -13.82
CA SER A 148 7.41 2.51 -13.23
C SER A 148 8.22 3.37 -14.21
N CYS A 149 7.80 3.48 -15.47
CA CYS A 149 8.58 4.19 -16.48
C CYS A 149 8.91 5.63 -16.12
N SER A 150 7.92 6.40 -15.66
CA SER A 150 8.16 7.81 -15.39
C SER A 150 9.08 7.99 -14.17
N LEU A 151 8.85 7.22 -13.12
CA LEU A 151 9.70 7.29 -11.92
C LEU A 151 11.12 6.83 -12.23
N THR A 152 11.24 5.80 -13.07
CA THR A 152 12.54 5.28 -13.47
C THR A 152 13.31 6.35 -14.23
N ALA A 153 12.64 7.00 -15.19
CA ALA A 153 13.29 8.08 -15.94
C ALA A 153 13.73 9.22 -15.01
N ALA A 154 12.89 9.55 -14.03
CA ALA A 154 13.24 10.60 -13.07
C ALA A 154 14.44 10.19 -12.23
N CYS A 155 14.50 8.92 -11.81
CA CYS A 155 15.68 8.44 -11.08
C CYS A 155 16.94 8.56 -11.92
N GLU A 156 16.85 8.16 -13.19
CA GLU A 156 18.03 8.18 -14.04
C GLU A 156 18.47 9.59 -14.40
N GLU A 157 17.59 10.57 -14.17
CA GLU A 157 17.95 11.97 -14.31
C GLU A 157 18.87 12.37 -13.16
N LEU A 158 18.76 11.66 -12.05
CA LEU A 158 19.46 12.03 -10.83
C LEU A 158 20.77 11.27 -10.63
N GLY A 159 21.19 10.54 -11.67
CA GLY A 159 22.46 9.85 -11.61
C GLY A 159 22.39 8.35 -11.32
N TRP A 160 21.22 7.86 -10.97
CA TRP A 160 21.02 6.42 -10.84
C TRP A 160 21.03 5.79 -12.24
N ARG A 161 21.38 4.52 -12.33
CA ARG A 161 21.36 3.78 -13.59
C ARG A 161 20.90 2.36 -13.31
N GLY A 162 19.85 1.92 -13.99
CA GLY A 162 19.36 0.57 -13.82
C GLY A 162 20.15 -0.40 -14.70
N GLU A 163 20.22 -1.66 -14.27
CA GLU A 163 20.90 -2.70 -15.05
C GLU A 163 20.10 -3.13 -16.27
N ARG A 164 18.83 -2.71 -16.31
CA ARG A 164 17.92 -3.03 -17.41
C ARG A 164 17.62 -4.52 -17.53
N THR A 165 17.49 -5.11 -16.36
CA THR A 165 16.92 -6.42 -16.16
C THR A 165 15.39 -6.19 -16.08
N ASP A 166 14.57 -7.22 -16.11
CA ASP A 166 13.11 -7.03 -16.01
C ASP A 166 12.67 -6.78 -14.57
N PHE A 167 13.60 -6.87 -13.64
CA PHE A 167 13.30 -6.77 -12.21
C PHE A 167 14.37 -5.95 -11.48
N ASP A 168 14.76 -4.80 -12.03
CA ASP A 168 15.67 -3.89 -11.32
C ASP A 168 14.94 -3.30 -10.13
N LEU A 169 15.53 -3.39 -8.93
CA LEU A 169 14.92 -2.70 -7.80
C LEU A 169 15.19 -1.20 -7.91
N LEU A 170 14.14 -0.41 -7.84
CA LEU A 170 14.32 1.05 -7.84
C LEU A 170 14.95 1.45 -6.51
N PRO A 171 15.74 2.53 -6.52
CA PRO A 171 16.30 3.02 -5.26
C PRO A 171 15.20 3.71 -4.47
N LEU A 172 15.40 3.89 -3.18
CA LEU A 172 14.52 4.77 -2.41
C LEU A 172 14.80 6.17 -2.90
N ILE A 173 13.77 6.99 -3.07
CA ILE A 173 14.01 8.35 -3.50
C ILE A 173 13.04 9.30 -2.82
N PHE A 174 13.59 10.33 -2.19
CA PHE A 174 12.77 11.26 -1.42
C PHE A 174 13.46 12.60 -1.31
N ARG A 175 12.67 13.64 -1.04
CA ARG A 175 13.20 14.98 -0.95
C ARG A 175 12.92 15.58 0.43
N MET A 176 13.91 16.26 0.99
CA MET A 176 13.76 16.94 2.27
C MET A 176 13.32 18.38 2.06
N LYS A 177 12.57 18.92 3.03
CA LYS A 177 12.26 20.33 3.03
C LYS A 177 13.55 21.13 2.96
N GLY A 178 13.61 22.07 2.03
CA GLY A 178 14.79 22.93 1.90
C GLY A 178 15.70 22.54 0.77
N ASP A 179 15.64 21.27 0.35
CA ASP A 179 16.44 20.77 -0.76
C ASP A 179 15.65 20.90 -2.06
N GLU A 180 16.32 21.29 -3.14
CA GLU A 180 15.67 21.35 -4.45
C GLU A 180 15.51 19.98 -5.11
N GLN A 181 16.49 19.10 -4.92
CA GLN A 181 16.46 17.76 -5.53
C GLN A 181 16.29 16.66 -4.50
N PRO A 182 15.56 15.59 -4.85
CA PRO A 182 15.51 14.45 -3.94
C PRO A 182 16.88 13.78 -3.90
N VAL A 183 17.12 12.95 -2.89
CA VAL A 183 18.31 12.11 -2.87
C VAL A 183 17.82 10.70 -3.17
N TRP A 184 18.71 9.82 -3.59
CA TRP A 184 18.33 8.41 -3.74
C TRP A 184 19.33 7.45 -3.09
N TYR A 185 18.83 6.30 -2.63
CA TYR A 185 19.65 5.28 -1.99
C TYR A 185 19.29 3.89 -2.52
N GLU A 186 20.30 3.16 -2.96
CA GLU A 186 20.09 1.80 -3.46
C GLU A 186 19.59 0.94 -2.30
N LEU A 187 18.66 0.03 -2.56
CA LEU A 187 18.15 -0.86 -1.50
C LEU A 187 19.13 -1.99 -1.24
N PRO A 188 19.50 -2.20 0.02
CA PRO A 188 20.34 -3.36 0.35
C PRO A 188 19.57 -4.64 0.04
N ARG A 189 20.09 -5.47 -0.85
CA ARG A 189 19.33 -6.64 -1.30
C ARG A 189 19.01 -7.62 -0.16
N SER A 190 19.83 -7.62 0.89
CA SER A 190 19.56 -8.46 2.08
C SER A 190 18.24 -8.10 2.77
N LEU A 191 17.72 -6.90 2.51
CA LEU A 191 16.48 -6.44 3.10
C LEU A 191 15.25 -6.87 2.29
N VAL A 192 15.47 -7.18 1.03
CA VAL A 192 14.36 -7.41 0.11
C VAL A 192 14.13 -8.89 -0.17
N ILE A 193 13.02 -9.43 0.32
CA ILE A 193 12.68 -10.81 0.03
C ILE A 193 11.97 -10.85 -1.33
N GLU A 194 12.38 -11.77 -2.19
CA GLU A 194 11.71 -11.98 -3.46
C GLU A 194 11.34 -13.44 -3.56
N VAL A 195 10.30 -13.74 -4.35
CA VAL A 195 9.80 -15.10 -4.50
C VAL A 195 9.82 -15.53 -5.96
N PRO A 196 10.57 -16.59 -6.29
CA PRO A 196 10.51 -17.12 -7.66
C PRO A 196 9.17 -17.81 -7.87
N ILE A 197 8.56 -17.62 -9.03
CA ILE A 197 7.26 -18.21 -9.28
C ILE A 197 7.40 -19.59 -9.91
N THR A 198 6.91 -20.61 -9.21
CA THR A 198 6.86 -21.96 -9.76
C THR A 198 5.45 -22.49 -9.62
N HIS A 199 5.16 -23.59 -10.30
CA HIS A 199 3.82 -24.17 -10.29
C HIS A 199 3.86 -25.51 -9.56
N PRO A 200 2.80 -25.83 -8.79
CA PRO A 200 2.83 -27.07 -8.00
C PRO A 200 2.88 -28.34 -8.85
N ASP A 201 2.40 -28.28 -10.09
CA ASP A 201 2.29 -29.49 -10.93
C ASP A 201 3.06 -29.41 -12.25
N ILE A 202 3.30 -28.19 -12.73
CA ILE A 202 3.87 -27.98 -14.06
C ILE A 202 5.31 -27.51 -13.95
N GLU A 203 6.24 -28.44 -14.15
CA GLU A 203 7.67 -28.15 -13.96
C GLU A 203 8.17 -27.05 -14.89
N ALA A 204 7.57 -26.98 -16.07
CA ALA A 204 8.02 -26.04 -17.09
C ALA A 204 7.77 -24.58 -16.71
N PHE A 205 6.90 -24.35 -15.72
CA PHE A 205 6.53 -22.98 -15.34
C PHE A 205 7.74 -22.14 -14.96
N SER A 206 8.77 -22.76 -14.39
CA SER A 206 9.97 -22.05 -13.99
C SER A 206 10.73 -21.50 -15.20
N ASP A 207 10.45 -22.04 -16.38
CA ASP A 207 11.09 -21.58 -17.61
C ASP A 207 10.76 -20.12 -17.89
N LEU A 208 9.63 -19.65 -17.35
CA LEU A 208 9.23 -18.25 -17.53
C LEU A 208 10.12 -17.28 -16.73
N GLU A 209 10.87 -17.83 -15.79
CA GLU A 209 11.73 -17.03 -14.91
C GLU A 209 11.02 -15.82 -14.29
N LEU A 210 9.81 -16.03 -13.77
CA LEU A 210 9.05 -14.96 -13.14
C LEU A 210 9.39 -14.91 -11.66
N LYS A 211 9.33 -13.71 -11.08
CA LYS A 211 9.40 -13.56 -9.63
C LYS A 211 8.64 -12.31 -9.23
N TRP A 212 8.41 -12.13 -7.94
CA TRP A 212 7.85 -10.88 -7.44
C TRP A 212 8.40 -10.63 -6.05
N TYR A 213 8.23 -9.41 -5.54
CA TYR A 213 8.77 -9.08 -4.23
C TYR A 213 7.73 -9.44 -3.15
N GLY A 214 8.21 -9.64 -1.93
CA GLY A 214 7.35 -10.14 -0.87
C GLY A 214 6.36 -9.14 -0.30
N VAL A 215 6.80 -7.89 -0.15
CA VAL A 215 6.03 -6.93 0.65
C VAL A 215 5.65 -5.66 -0.12
N PRO A 216 4.34 -5.42 -0.31
CA PRO A 216 3.94 -4.17 -0.97
C PRO A 216 3.83 -3.05 0.04
N ILE A 217 4.63 -1.99 -0.12
CA ILE A 217 4.69 -0.91 0.87
C ILE A 217 4.36 0.44 0.22
N ILE A 218 3.08 0.82 0.23
CA ILE A 218 2.63 2.07 -0.41
C ILE A 218 3.23 3.29 0.28
N SER A 219 3.91 4.14 -0.47
CA SER A 219 4.65 5.22 0.17
C SER A 219 4.35 6.60 -0.39
N ASP A 220 3.25 6.73 -1.14
CA ASP A 220 2.94 8.02 -1.75
C ASP A 220 1.52 8.49 -1.45
N MET A 221 0.84 7.87 -0.48
CA MET A 221 -0.45 8.38 -0.06
C MET A 221 -0.35 9.26 1.19
N LYS A 222 -1.30 10.16 1.34
CA LYS A 222 -1.36 11.02 2.52
C LYS A 222 -2.28 10.44 3.59
N LEU A 223 -1.77 10.30 4.82
CA LEU A 223 -2.62 9.93 5.96
C LEU A 223 -3.19 11.21 6.56
N GLU A 224 -4.51 11.31 6.64
CA GLU A 224 -5.12 12.47 7.28
C GLU A 224 -5.82 12.08 8.58
N VAL A 225 -5.42 12.70 9.68
CA VAL A 225 -5.97 12.38 11.00
C VAL A 225 -6.29 13.67 11.72
N GLY A 226 -7.57 13.91 12.00
CA GLY A 226 -7.97 15.08 12.76
C GLY A 226 -7.48 16.40 12.19
N GLY A 227 -7.44 16.47 10.85
CA GLY A 227 -7.05 17.70 10.18
C GLY A 227 -5.55 17.87 9.99
N ILE A 228 -4.76 16.89 10.42
CA ILE A 228 -3.31 16.93 10.26
C ILE A 228 -2.93 16.09 9.06
N HIS A 229 -2.06 16.61 8.19
CA HIS A 229 -1.76 15.93 6.93
C HIS A 229 -0.38 15.28 6.96
N TYR A 230 -0.37 13.97 7.15
CA TYR A 230 0.86 13.19 7.13
C TYR A 230 1.07 12.69 5.70
N ASN A 231 1.65 13.54 4.86
CA ASN A 231 1.88 13.22 3.45
C ASN A 231 2.90 12.11 3.27
N ALA A 232 3.76 11.94 4.28
CA ALA A 232 4.75 10.88 4.24
C ALA A 232 4.48 9.88 5.37
N ALA A 233 3.89 8.75 5.00
CA ALA A 233 3.52 7.75 5.99
C ALA A 233 3.35 6.39 5.33
N PRO A 234 4.48 5.77 4.91
CA PRO A 234 4.37 4.52 4.15
C PRO A 234 3.76 3.39 4.97
N PHE A 235 2.93 2.57 4.33
CA PHE A 235 2.29 1.45 5.00
C PHE A 235 2.29 0.19 4.15
N ASN A 236 2.22 -0.97 4.81
CA ASN A 236 2.22 -2.24 4.11
C ASN A 236 1.25 -3.25 4.70
N GLY A 237 0.87 -4.22 3.87
CA GLY A 237 0.17 -5.40 4.34
C GLY A 237 0.91 -6.57 3.73
N TRP A 238 0.21 -7.69 3.57
CA TRP A 238 0.69 -8.79 2.75
C TRP A 238 -0.17 -8.78 1.50
N TYR A 239 0.31 -9.42 0.44
CA TYR A 239 -0.40 -9.43 -0.83
C TYR A 239 -1.61 -10.33 -0.80
N MET A 240 -2.63 -9.96 -1.59
CA MET A 240 -3.64 -10.93 -2.02
C MET A 240 -3.12 -11.44 -3.35
N GLY A 241 -3.17 -12.76 -3.57
CA GLY A 241 -2.48 -13.35 -4.71
C GLY A 241 -2.89 -12.77 -6.06
N THR A 242 -4.16 -12.44 -6.22
CA THR A 242 -4.66 -11.87 -7.48
C THR A 242 -3.96 -10.58 -7.88
N GLU A 243 -3.41 -9.84 -6.91
CA GLU A 243 -2.75 -8.58 -7.24
C GLU A 243 -1.52 -8.86 -8.09
N ILE A 244 -0.88 -10.00 -7.79
CA ILE A 244 0.32 -10.40 -8.49
C ILE A 244 -0.05 -11.17 -9.76
N GLY A 245 -0.91 -12.18 -9.60
CA GLY A 245 -1.22 -13.09 -10.69
C GLY A 245 -2.23 -12.60 -11.72
N ALA A 246 -3.15 -11.73 -11.31
CA ALA A 246 -4.18 -11.26 -12.24
C ALA A 246 -3.91 -9.85 -12.71
N ARG A 247 -2.98 -9.15 -12.09
CA ARG A 247 -2.72 -7.77 -12.49
C ARG A 247 -1.24 -7.50 -12.83
N ASN A 248 -0.37 -7.57 -11.82
CA ASN A 248 1.03 -7.22 -12.05
C ASN A 248 1.70 -8.05 -13.14
N LEU A 249 1.48 -9.36 -13.14
CA LEU A 249 2.15 -10.20 -14.12
C LEU A 249 1.30 -10.41 -15.38
N ALA A 250 -0.01 -10.15 -15.26
CA ALA A 250 -0.97 -10.45 -16.34
C ALA A 250 -1.43 -9.29 -17.23
N ASP A 251 -1.62 -8.11 -16.65
CA ASP A 251 -2.15 -6.95 -17.41
C ASP A 251 -1.29 -6.69 -18.66
N GLU A 252 -1.93 -6.35 -19.78
CA GLU A 252 -1.19 -6.04 -21.00
C GLU A 252 -0.27 -4.82 -20.85
N LYS A 253 -0.64 -3.93 -19.92
CA LYS A 253 0.17 -2.73 -19.66
C LYS A 253 1.12 -2.92 -18.47
N ARG A 254 1.22 -4.16 -17.97
CA ARG A 254 2.23 -4.48 -16.97
C ARG A 254 3.16 -5.54 -17.57
N TYR A 255 3.32 -6.68 -16.90
CA TYR A 255 4.28 -7.67 -17.43
C TYR A 255 3.73 -8.52 -18.58
N ASP A 256 2.41 -8.55 -18.75
CA ASP A 256 1.79 -9.09 -19.97
C ASP A 256 2.19 -10.55 -20.26
N LYS A 257 2.10 -11.42 -19.26
CA LYS A 257 2.60 -12.79 -19.39
C LYS A 257 1.60 -13.88 -19.81
N LEU A 258 0.36 -13.55 -20.11
CA LEU A 258 -0.62 -14.63 -20.31
C LEU A 258 -0.32 -15.55 -21.51
N LYS A 259 0.14 -14.99 -22.62
CA LYS A 259 0.51 -15.81 -23.77
C LYS A 259 1.65 -16.77 -23.44
N LYS A 260 2.65 -16.29 -22.70
CA LYS A 260 3.75 -17.16 -22.29
C LYS A 260 3.29 -18.19 -21.27
N VAL A 261 2.35 -17.83 -20.40
CA VAL A 261 1.79 -18.79 -19.47
C VAL A 261 1.02 -19.88 -20.23
N ALA A 262 0.19 -19.47 -21.18
CA ALA A 262 -0.57 -20.41 -21.99
C ALA A 262 0.36 -21.45 -22.63
N SER A 263 1.47 -20.98 -23.19
CA SER A 263 2.40 -21.87 -23.84
C SER A 263 3.01 -22.90 -22.89
N VAL A 264 3.49 -22.45 -21.73
CA VAL A 264 4.11 -23.39 -20.77
C VAL A 264 3.12 -24.38 -20.12
N ILE A 265 1.85 -24.02 -20.06
CA ILE A 265 0.88 -24.97 -19.52
C ILE A 265 0.29 -25.84 -20.62
N GLY A 266 0.79 -25.66 -21.84
CA GLY A 266 0.45 -26.54 -22.94
C GLY A 266 -0.90 -26.33 -23.60
N ILE A 267 -1.44 -25.11 -23.55
CA ILE A 267 -2.69 -24.84 -24.27
C ILE A 267 -2.52 -23.82 -25.39
N ALA A 268 -3.36 -23.93 -26.41
CA ALA A 268 -3.37 -22.97 -27.53
C ALA A 268 -3.87 -21.60 -27.04
N ALA A 269 -3.37 -20.53 -27.65
CA ALA A 269 -3.79 -19.17 -27.29
C ALA A 269 -4.32 -18.48 -28.53
N ASP A 270 -5.17 -19.19 -29.26
CA ASP A 270 -5.63 -18.77 -30.58
C ASP A 270 -7.11 -18.39 -30.66
N TYR A 271 -7.95 -18.96 -29.79
CA TYR A 271 -9.41 -18.76 -29.91
C TYR A 271 -10.03 -18.23 -28.62
N ASN A 272 -10.82 -17.15 -28.71
CA ASN A 272 -11.48 -16.60 -27.53
C ASN A 272 -12.33 -17.65 -26.83
N THR A 273 -13.03 -18.45 -27.62
CA THR A 273 -13.95 -19.46 -27.08
C THR A 273 -13.26 -20.61 -26.33
N ASP A 274 -11.94 -20.72 -26.44
CA ASP A 274 -11.22 -21.73 -25.64
C ASP A 274 -10.98 -21.23 -24.22
N LEU A 275 -11.29 -19.96 -23.99
CA LEU A 275 -11.04 -19.31 -22.69
C LEU A 275 -9.61 -19.55 -22.22
N TRP A 276 -8.66 -19.43 -23.13
CA TRP A 276 -7.26 -19.68 -22.79
C TRP A 276 -6.73 -18.61 -21.84
N LYS A 277 -7.24 -17.39 -21.94
CA LYS A 277 -6.78 -16.36 -21.00
C LYS A 277 -7.24 -16.66 -19.59
N ASP A 278 -8.47 -17.13 -19.46
CA ASP A 278 -9.02 -17.43 -18.14
C ASP A 278 -8.29 -18.61 -17.50
N GLN A 279 -8.00 -19.62 -18.32
CA GLN A 279 -7.28 -20.79 -17.85
C GLN A 279 -5.85 -20.42 -17.43
N ALA A 280 -5.16 -19.64 -18.28
CA ALA A 280 -3.83 -19.14 -17.93
C ALA A 280 -3.83 -18.32 -16.63
N LEU A 281 -4.83 -17.45 -16.47
CA LEU A 281 -4.97 -16.65 -15.25
C LEU A 281 -5.11 -17.52 -14.00
N VAL A 282 -5.91 -18.57 -14.09
CA VAL A 282 -6.09 -19.47 -12.95
C VAL A 282 -4.77 -20.17 -12.61
N GLU A 283 -4.09 -20.72 -13.61
CA GLU A 283 -2.82 -21.40 -13.32
C GLU A 283 -1.75 -20.45 -12.81
N LEU A 284 -1.66 -19.26 -13.40
CA LEU A 284 -0.68 -18.26 -12.91
C LEU A 284 -0.97 -17.89 -11.46
N ASN A 285 -2.25 -17.74 -11.15
CA ASN A 285 -2.64 -17.39 -9.78
C ASN A 285 -2.44 -18.54 -8.81
N LYS A 286 -2.58 -19.79 -9.28
CA LYS A 286 -2.25 -20.93 -8.42
C LYS A 286 -0.74 -20.93 -8.15
N ALA A 287 0.05 -20.63 -9.18
CA ALA A 287 1.50 -20.67 -9.04
C ALA A 287 1.98 -19.63 -8.04
N VAL A 288 1.38 -18.43 -8.12
CA VAL A 288 1.73 -17.35 -7.20
C VAL A 288 1.50 -17.75 -5.73
N LEU A 289 0.31 -18.26 -5.41
CA LEU A 289 0.02 -18.68 -4.05
C LEU A 289 0.92 -19.80 -3.59
N HIS A 290 1.09 -20.82 -4.43
CA HIS A 290 1.99 -21.94 -4.14
C HIS A 290 3.40 -21.46 -3.82
N SER A 291 3.90 -20.52 -4.61
CA SER A 291 5.27 -20.08 -4.48
C SER A 291 5.52 -19.28 -3.20
N TYR A 292 4.60 -18.37 -2.87
CA TYR A 292 4.72 -17.62 -1.61
C TYR A 292 4.62 -18.55 -0.40
N LYS A 293 3.67 -19.48 -0.43
CA LYS A 293 3.50 -20.44 0.65
C LYS A 293 4.76 -21.28 0.83
N LYS A 294 5.29 -21.78 -0.28
CA LYS A 294 6.47 -22.65 -0.22
C LYS A 294 7.66 -21.94 0.40
N GLN A 295 7.79 -20.64 0.12
CA GLN A 295 8.90 -19.86 0.64
C GLN A 295 8.67 -19.32 2.05
N GLY A 296 7.46 -19.48 2.58
CA GLY A 296 7.18 -19.00 3.92
C GLY A 296 7.00 -17.49 3.96
N VAL A 297 6.48 -16.94 2.87
CA VAL A 297 6.15 -15.51 2.80
C VAL A 297 4.63 -15.36 2.84
N SER A 298 4.15 -14.53 3.75
CA SER A 298 2.70 -14.28 3.89
C SER A 298 1.99 -13.88 2.59
N ILE A 299 0.81 -14.46 2.37
CA ILE A 299 -0.02 -14.13 1.22
C ILE A 299 -1.42 -14.63 1.55
N VAL A 300 -2.44 -14.07 0.91
CA VAL A 300 -3.82 -14.53 1.12
C VAL A 300 -4.45 -14.74 -0.26
N ASP A 301 -5.30 -15.76 -0.39
CA ASP A 301 -6.01 -15.96 -1.66
C ASP A 301 -7.29 -15.16 -1.56
N HIS A 302 -7.94 -14.90 -2.70
CA HIS A 302 -9.08 -14.00 -2.70
C HIS A 302 -10.33 -14.57 -2.02
N HIS A 303 -10.45 -15.89 -1.99
CA HIS A 303 -11.58 -16.49 -1.29
C HIS A 303 -11.47 -16.27 0.21
N THR A 304 -10.29 -16.55 0.75
CA THR A 304 -10.06 -16.37 2.18
C THR A 304 -10.18 -14.89 2.55
N ALA A 305 -9.58 -14.04 1.72
CA ALA A 305 -9.68 -12.59 1.92
C ALA A 305 -11.13 -12.10 1.97
N ALA A 306 -11.98 -12.59 1.07
CA ALA A 306 -13.38 -12.17 1.09
C ALA A 306 -14.10 -12.68 2.32
N SER A 307 -13.73 -13.88 2.76
CA SER A 307 -14.31 -14.43 3.99
C SER A 307 -13.92 -13.59 5.19
N GLN A 308 -12.69 -13.10 5.20
CA GLN A 308 -12.25 -12.23 6.28
C GLN A 308 -13.03 -10.91 6.21
N PHE A 309 -13.25 -10.42 4.99
CA PHE A 309 -13.96 -9.15 4.84
C PHE A 309 -15.40 -9.26 5.30
N LYS A 310 -16.00 -10.44 5.08
CA LYS A 310 -17.36 -10.69 5.58
C LYS A 310 -17.37 -10.54 7.10
N ARG A 311 -16.33 -11.03 7.77
CA ARG A 311 -16.25 -10.89 9.22
C ARG A 311 -16.07 -9.41 9.61
N PHE A 312 -15.35 -8.66 8.80
CA PHE A 312 -15.20 -7.21 9.03
C PHE A 312 -16.57 -6.53 8.96
N GLU A 313 -17.38 -6.91 7.98
CA GLU A 313 -18.74 -6.37 7.88
C GLU A 313 -19.55 -6.68 9.14
N GLU A 314 -19.45 -7.93 9.60
CA GLU A 314 -20.22 -8.37 10.77
C GLU A 314 -19.74 -7.62 12.01
N GLN A 315 -18.42 -7.47 12.13
CA GLN A 315 -17.84 -6.76 13.26
C GLN A 315 -18.30 -5.30 13.30
N ALA A 316 -18.35 -4.66 12.14
CA ALA A 316 -18.80 -3.27 12.03
C ALA A 316 -20.23 -3.10 12.54
N GLU A 317 -21.13 -3.97 12.09
CA GLU A 317 -22.51 -3.92 12.55
C GLU A 317 -22.62 -4.15 14.07
N GLU A 318 -21.83 -5.08 14.59
CA GLU A 318 -21.85 -5.40 16.01
C GLU A 318 -21.33 -4.26 16.87
N ALA A 319 -20.38 -3.51 16.32
CA ALA A 319 -19.80 -2.35 16.99
C ALA A 319 -20.64 -1.09 16.80
N GLY A 320 -21.71 -1.21 16.02
CA GLY A 320 -22.58 -0.09 15.75
C GLY A 320 -22.00 0.95 14.79
N ARG A 321 -20.95 0.56 14.07
CA ARG A 321 -20.33 1.45 13.08
C ARG A 321 -20.90 1.22 11.68
N LYS A 322 -21.22 2.31 10.99
CA LYS A 322 -21.58 2.28 9.57
C LYS A 322 -20.45 1.63 8.77
N LEU A 323 -20.80 0.80 7.79
CA LEU A 323 -19.80 0.22 6.92
C LEU A 323 -19.74 0.96 5.60
N THR A 324 -18.53 1.30 5.16
CA THR A 324 -18.37 1.91 3.85
C THR A 324 -17.45 1.06 2.98
N GLY A 325 -17.72 1.05 1.67
CA GLY A 325 -16.92 0.25 0.77
C GLY A 325 -17.10 0.67 -0.67
N ASP A 326 -16.12 0.31 -1.49
CA ASP A 326 -16.14 0.59 -2.93
C ASP A 326 -16.20 -0.74 -3.65
N TRP A 327 -17.40 -1.15 -4.05
CA TRP A 327 -17.64 -2.45 -4.67
C TRP A 327 -16.69 -2.70 -5.84
N THR A 328 -16.45 -1.67 -6.63
CA THR A 328 -15.65 -1.85 -7.85
C THR A 328 -14.20 -2.25 -7.56
N TRP A 329 -13.72 -1.93 -6.36
CA TRP A 329 -12.37 -2.31 -5.97
C TRP A 329 -12.33 -3.49 -5.00
N LEU A 330 -13.43 -3.75 -4.30
CA LEU A 330 -13.46 -4.86 -3.35
C LEU A 330 -13.58 -6.22 -4.04
N ILE A 331 -14.34 -6.30 -5.13
CA ILE A 331 -14.42 -7.56 -5.87
C ILE A 331 -13.03 -7.92 -6.43
N PRO A 332 -12.64 -9.21 -6.30
CA PRO A 332 -11.34 -9.62 -6.86
C PRO A 332 -11.46 -9.77 -8.37
N PRO A 333 -10.34 -9.66 -9.09
CA PRO A 333 -10.36 -9.70 -10.56
C PRO A 333 -10.44 -11.12 -11.11
N ILE A 334 -10.48 -12.11 -10.22
CA ILE A 334 -10.64 -13.53 -10.59
C ILE A 334 -11.87 -14.09 -9.88
N SER A 335 -12.78 -14.73 -10.63
CA SER A 335 -14.01 -15.29 -10.05
C SER A 335 -14.73 -14.39 -9.03
N PRO A 336 -14.99 -13.12 -9.38
CA PRO A 336 -15.61 -12.26 -8.36
C PRO A 336 -16.98 -12.74 -7.86
N ALA A 337 -17.75 -13.39 -8.73
CA ALA A 337 -19.08 -13.83 -8.34
C ALA A 337 -19.03 -15.03 -7.39
N ALA A 338 -17.83 -15.58 -7.20
CA ALA A 338 -17.64 -16.64 -6.22
C ALA A 338 -17.52 -16.09 -4.80
N THR A 339 -17.47 -14.76 -4.68
CA THR A 339 -17.35 -14.14 -3.35
C THR A 339 -18.65 -13.46 -2.97
N HIS A 340 -18.92 -13.30 -1.67
CA HIS A 340 -20.16 -12.69 -1.24
C HIS A 340 -20.21 -11.21 -1.63
N ILE A 341 -19.02 -10.60 -1.77
CA ILE A 341 -18.89 -9.18 -2.08
C ILE A 341 -19.67 -8.83 -3.35
N PHE A 342 -19.52 -9.66 -4.36
CA PHE A 342 -20.13 -9.44 -5.67
C PHE A 342 -21.65 -9.29 -5.56
N HIS A 343 -22.23 -9.98 -4.59
CA HIS A 343 -23.68 -10.10 -4.52
C HIS A 343 -24.35 -9.10 -3.58
N ARG A 344 -23.58 -8.17 -3.01
CA ARG A 344 -24.21 -7.10 -2.24
C ARG A 344 -23.70 -5.74 -2.69
N SER A 345 -24.23 -4.67 -2.11
CA SER A 345 -23.76 -3.33 -2.42
C SER A 345 -23.14 -2.65 -1.20
N TYR A 346 -22.36 -1.61 -1.46
CA TYR A 346 -21.66 -0.89 -0.39
C TYR A 346 -21.81 0.62 -0.56
N ASP A 347 -22.00 1.32 0.56
CA ASP A 347 -22.04 2.78 0.60
C ASP A 347 -20.62 3.33 0.43
N ASN A 348 -20.36 4.03 -0.67
CA ASN A 348 -19.00 4.52 -0.95
C ASN A 348 -18.68 5.90 -0.33
N SER A 349 -19.30 6.23 0.78
CA SER A 349 -19.06 7.53 1.41
C SER A 349 -17.66 7.62 2.01
N ILE A 350 -17.07 8.82 2.00
CA ILE A 350 -15.73 9.04 2.54
C ILE A 350 -15.81 9.42 4.02
N VAL A 351 -15.18 8.62 4.88
CA VAL A 351 -15.11 8.91 6.31
C VAL A 351 -13.64 9.13 6.70
N LYS A 352 -13.38 10.10 7.58
CA LYS A 352 -12.02 10.36 8.04
C LYS A 352 -11.88 9.93 9.49
N PRO A 353 -10.65 9.59 9.94
CA PRO A 353 -9.36 9.55 9.23
C PRO A 353 -9.36 8.61 8.04
N ASN A 354 -8.45 8.86 7.09
CA ASN A 354 -8.38 8.05 5.87
C ASN A 354 -7.06 8.31 5.15
N TYR A 355 -6.81 7.53 4.10
CA TYR A 355 -5.63 7.72 3.25
C TYR A 355 -6.08 8.32 1.92
N PHE A 356 -5.31 9.27 1.41
CA PHE A 356 -5.71 10.01 0.20
C PHE A 356 -4.61 10.08 -0.84
N TYR A 357 -5.00 10.16 -2.10
CA TYR A 357 -4.04 10.41 -3.18
C TYR A 357 -3.46 11.80 -3.04
N GLN A 358 -2.23 11.98 -3.53
CA GLN A 358 -1.66 13.32 -3.65
C GLN A 358 -0.88 13.42 -4.95
N ASP A 359 -0.65 14.63 -5.43
CA ASP A 359 0.07 14.84 -6.69
C ASP A 359 1.49 14.27 -6.66
N LYS A 360 1.91 13.67 -7.77
CA LYS A 360 3.28 13.19 -7.90
C LYS A 360 4.20 14.39 -8.14
N PRO A 361 5.40 14.37 -7.56
CA PRO A 361 6.40 15.43 -7.80
C PRO A 361 7.21 15.22 -9.08
N TYR A 362 7.19 13.99 -9.61
CA TYR A 362 7.63 13.73 -10.97
C TYR A 362 6.35 13.74 -11.80
N GLU A 363 6.45 13.61 -13.12
CA GLU A 363 5.29 13.78 -14.02
C GLU A 363 4.71 15.20 -14.01
CHA HEM B . -6.68 -1.03 -1.24
CHB HEM B . -5.54 -5.59 -0.01
CHC HEM B . -3.50 -3.98 4.13
CHD HEM B . -4.82 0.55 2.96
C1A HEM B . -6.40 -2.38 -1.28
C2A HEM B . -6.55 -3.15 -2.46
C3A HEM B . -6.24 -4.44 -2.11
C4A HEM B . -5.88 -4.45 -0.74
CMA HEM B . -6.26 -5.63 -3.04
CAA HEM B . -7.02 -2.69 -3.84
CBA HEM B . -6.18 -1.58 -4.50
CGA HEM B . -5.36 -2.12 -5.64
O1A HEM B . -5.43 -3.33 -5.94
O2A HEM B . -4.60 -1.35 -6.30
C1B HEM B . -4.90 -5.54 1.22
C2B HEM B . -4.34 -6.67 1.85
C3B HEM B . -3.75 -6.27 3.03
C4B HEM B . -4.00 -4.79 3.09
CMB HEM B . -4.36 -8.10 1.35
CAB HEM B . -3.06 -7.18 3.97
CBB HEM B . -2.99 -6.98 5.29
C1C HEM B . -3.59 -2.59 4.14
C2C HEM B . -3.02 -1.71 5.08
C3C HEM B . -3.41 -0.41 4.77
C4C HEM B . -4.23 -0.52 3.59
CMC HEM B . -2.14 -2.17 6.23
CAC HEM B . -3.07 0.86 5.46
CBC HEM B . -2.76 0.97 6.76
C1D HEM B . -5.43 0.41 1.69
C2D HEM B . -5.86 1.61 0.94
C3D HEM B . -6.36 1.18 -0.22
C4D HEM B . -6.25 -0.28 -0.17
CMD HEM B . -5.76 3.05 1.37
CAD HEM B . -6.97 2.04 -1.33
CBD HEM B . -5.95 2.61 -2.32
CGD HEM B . -6.55 3.41 -3.45
O1D HEM B . -6.01 3.35 -4.57
O2D HEM B . -7.54 4.16 -3.30
NA HEM B . -6.00 -3.18 -0.23
NB HEM B . -4.65 -4.43 1.95
NC HEM B . -4.33 -1.84 3.26
ND HEM B . -5.64 -0.72 0.97
FE HEM B . -5.35 -2.50 1.56
CL CL C . 1.33 -4.20 -6.31
N02 SKO D . -2.05 -6.28 -0.34
C02 SKO D . -1.64 -5.00 -0.48
C03 SKO D . -1.37 -4.22 0.64
C04 SKO D . -0.96 -2.90 0.46
C07 SKO D . -0.66 -2.03 1.66
C05 SKO D . -0.83 -2.40 -0.82
N01 SKO D . -1.53 -4.49 -1.73
C06 SKO D . -1.12 -3.22 -1.93
C08 SKO D . -1.00 -2.70 -3.34
C09 SKO D . -2.40 -2.30 -3.80
C12 SKO D . -2.63 -0.87 -3.36
C13 SKO D . -3.03 -0.60 -2.05
C14 SKO D . -3.21 0.71 -1.63
C15 SKO D . -2.96 1.71 -2.57
N11 SKO D . -2.42 0.12 -4.24
C16 SKO D . -2.59 1.40 -3.87
N17 SKO D . -2.39 2.43 -4.80
C17 SKO D . -2.23 3.79 -4.30
C18 SKO D . -2.39 2.15 -6.23
C19 SKO D . -3.77 2.49 -6.78
N20 SKO D . -4.80 1.64 -6.16
C21 SKO D . -6.00 1.60 -7.01
N1 IMD E . -11.56 -0.14 -11.81
C2 IMD E . -10.38 -0.20 -12.47
N3 IMD E . -9.59 -1.10 -11.85
C4 IMD E . -10.27 -1.61 -10.80
C5 IMD E . -11.52 -1.01 -10.78
C1 GOL F . -7.88 6.94 -1.99
O1 GOL F . -8.34 5.70 -1.45
C2 GOL F . -8.96 8.01 -1.88
O2 GOL F . -10.26 7.43 -2.00
C3 GOL F . -8.76 9.04 -3.00
O3 GOL F . -7.85 10.05 -2.54
C1 GOL G . -2.19 -14.60 7.54
O1 GOL G . -1.52 -15.78 8.04
C2 GOL G . -1.58 -14.16 6.22
O2 GOL G . -2.41 -14.63 5.15
C3 GOL G . -0.19 -14.77 6.19
O3 GOL G . 0.00 -15.71 5.12
C1 GOL H . 23.80 10.15 -3.83
O1 GOL H . 24.61 11.09 -4.53
C2 GOL H . 22.91 10.93 -2.86
O2 GOL H . 22.33 10.03 -1.92
C3 GOL H . 21.83 11.62 -3.67
O3 GOL H . 21.39 10.73 -4.69
O POL I . 8.47 -8.49 -19.56
C1 POL I . 7.90 -7.18 -19.43
C2 POL I . 7.19 -6.81 -20.73
C3 POL I . 6.68 -5.38 -20.67
O POL J . -13.24 1.87 -12.70
C1 POL J . -14.63 1.59 -12.95
C2 POL J . -15.53 2.57 -12.21
C3 POL J . -16.84 1.92 -11.85
O POL K . 7.36 11.49 18.12
C1 POL K . 8.37 12.47 18.41
C2 POL K . 8.01 13.81 17.79
C3 POL K . 9.14 14.81 17.93
#